data_5WHN
# 
_entry.id   5WHN 
# 
_audit_conform.dict_name       mmcif_pdbx.dic 
_audit_conform.dict_version    5.379 
_audit_conform.dict_location   http://mmcif.pdb.org/dictionaries/ascii/mmcif_pdbx.dic 
# 
loop_
_database_2.database_id 
_database_2.database_code 
_database_2.pdbx_database_accession 
_database_2.pdbx_DOI 
PDB   5WHN         pdb_00005whn 10.2210/pdb5whn/pdb 
WWPDB D_1000229038 ?            ?                   
# 
_pdbx_database_status.status_code                     REL 
_pdbx_database_status.status_code_sf                  REL 
_pdbx_database_status.status_code_mr                  ? 
_pdbx_database_status.entry_id                        5WHN 
_pdbx_database_status.recvd_initial_deposition_date   2017-07-17 
_pdbx_database_status.SG_entry                        N 
_pdbx_database_status.deposit_site                    RCSB 
_pdbx_database_status.process_site                    RCSB 
_pdbx_database_status.status_code_cs                  ? 
_pdbx_database_status.methods_development_category    ? 
_pdbx_database_status.pdb_format_compatible           Y 
_pdbx_database_status.status_code_nmr_data            ? 
# 
loop_
_audit_author.name 
_audit_author.pdbx_ordinal 
_audit_author.identifier_ORCID 
'Guenther, E.L.'  1 ? 
'Sawaya, M.R.'    2 ? 
'Eisenberg, D.S.' 3 ? 
# 
_citation.abstract                  ? 
_citation.abstract_id_CAS           ? 
_citation.book_id_ISBN              ? 
_citation.book_publisher            ? 
_citation.book_publisher_city       ? 
_citation.book_title                ? 
_citation.coordinate_linkage        ? 
_citation.country                   US 
_citation.database_id_Medline       ? 
_citation.details                   ? 
_citation.id                        primary 
_citation.journal_abbrev            'Nat. Struct. Mol. Biol.' 
_citation.journal_id_ASTM           ? 
_citation.journal_id_CSD            ? 
_citation.journal_id_ISSN           1545-9985 
_citation.journal_full              ? 
_citation.journal_issue             ? 
_citation.journal_volume            25 
_citation.language                  ? 
_citation.page_first                463 
_citation.page_last                 471 
_citation.title                     
'Atomic structures of TDP-43 LCD segments and insights into reversible or pathogenic aggregation.' 
_citation.year                      2018 
_citation.database_id_CSD           ? 
_citation.pdbx_database_id_DOI      10.1038/s41594-018-0064-2 
_citation.pdbx_database_id_PubMed   29786080 
_citation.unpublished_flag          ? 
# 
loop_
_citation_author.citation_id 
_citation_author.name 
_citation_author.ordinal 
_citation_author.identifier_ORCID 
primary 'Guenther, E.L.'  1  ? 
primary 'Cao, Q.'         2  ? 
primary 'Trinh, H.'       3  ? 
primary 'Lu, J.'          4  ? 
primary 'Sawaya, M.R.'    5  ? 
primary 'Cascio, D.'      6  ? 
primary 'Boyer, D.R.'     7  ? 
primary 'Rodriguez, J.A.' 8  ? 
primary 'Hughes, M.P.'    9  ? 
primary 'Eisenberg, D.S.' 10 ? 
# 
_cell.angle_alpha                  90.000 
_cell.angle_alpha_esd              ? 
_cell.angle_beta                   90.000 
_cell.angle_beta_esd               ? 
_cell.angle_gamma                  90.000 
_cell.angle_gamma_esd              ? 
_cell.entry_id                     5WHN 
_cell.details                      ? 
_cell.formula_units_Z              ? 
_cell.length_a                     13.820 
_cell.length_a_esd                 ? 
_cell.length_b                     4.850 
_cell.length_b_esd                 ? 
_cell.length_c                     46.740 
_cell.length_c_esd                 ? 
_cell.volume                       ? 
_cell.volume_esd                   ? 
_cell.Z_PDB                        4 
_cell.reciprocal_angle_alpha       ? 
_cell.reciprocal_angle_beta        ? 
_cell.reciprocal_angle_gamma       ? 
_cell.reciprocal_angle_alpha_esd   ? 
_cell.reciprocal_angle_beta_esd    ? 
_cell.reciprocal_angle_gamma_esd   ? 
_cell.reciprocal_length_a          ? 
_cell.reciprocal_length_b          ? 
_cell.reciprocal_length_c          ? 
_cell.reciprocal_length_a_esd      ? 
_cell.reciprocal_length_b_esd      ? 
_cell.reciprocal_length_c_esd      ? 
_cell.pdbx_unique_axis             ? 
# 
_symmetry.entry_id                         5WHN 
_symmetry.cell_setting                     ? 
_symmetry.Int_Tables_number                19 
_symmetry.space_group_name_Hall            ? 
_symmetry.space_group_name_H-M             'P 21 21 21' 
_symmetry.pdbx_full_space_group_name_H-M   ? 
# 
_entity.id                         1 
_entity.type                       polymer 
_entity.src_method                 syn 
_entity.pdbx_description           'Segment of TAR DNA-binding protein 43' 
_entity.formula_weight             641.673 
_entity.pdbx_number_of_molecules   1 
_entity.pdbx_ec                    ? 
_entity.pdbx_mutation              ? 
_entity.pdbx_fragment              'UNP residues 312-317' 
_entity.details                    ? 
# 
_entity_name_com.entity_id   1 
_entity_name_com.name        TDP-43 
# 
_entity_poly.entity_id                      1 
_entity_poly.type                           'polypeptide(L)' 
_entity_poly.nstd_linkage                   no 
_entity_poly.nstd_monomer                   no 
_entity_poly.pdbx_seq_one_letter_code       NFGAFS 
_entity_poly.pdbx_seq_one_letter_code_can   NFGAFS 
_entity_poly.pdbx_strand_id                 A 
_entity_poly.pdbx_target_identifier         ? 
# 
loop_
_entity_poly_seq.entity_id 
_entity_poly_seq.num 
_entity_poly_seq.mon_id 
_entity_poly_seq.hetero 
1 1 ASN n 
1 2 PHE n 
1 3 GLY n 
1 4 ALA n 
1 5 PHE n 
1 6 SER n 
# 
_pdbx_entity_src_syn.entity_id              1 
_pdbx_entity_src_syn.pdbx_src_id            1 
_pdbx_entity_src_syn.pdbx_alt_source_flag   sample 
_pdbx_entity_src_syn.pdbx_beg_seq_num       1 
_pdbx_entity_src_syn.pdbx_end_seq_num       6 
_pdbx_entity_src_syn.organism_scientific    'Homo sapiens' 
_pdbx_entity_src_syn.organism_common_name   Human 
_pdbx_entity_src_syn.ncbi_taxonomy_id       9606 
_pdbx_entity_src_syn.details                'Synthetic peptide NFGAFS corresponding tosegment 312-317 of TDP-43' 
# 
_struct_ref.id                         1 
_struct_ref.db_name                    UNP 
_struct_ref.db_code                    TADBP_HUMAN 
_struct_ref.pdbx_db_accession          Q13148 
_struct_ref.pdbx_db_isoform            ? 
_struct_ref.entity_id                  1 
_struct_ref.pdbx_seq_one_letter_code   NFGAFS 
_struct_ref.pdbx_align_begin           312 
# 
_struct_ref_seq.align_id                      1 
_struct_ref_seq.ref_id                        1 
_struct_ref_seq.pdbx_PDB_id_code              5WHN 
_struct_ref_seq.pdbx_strand_id                A 
_struct_ref_seq.seq_align_beg                 1 
_struct_ref_seq.pdbx_seq_align_beg_ins_code   ? 
_struct_ref_seq.seq_align_end                 6 
_struct_ref_seq.pdbx_seq_align_end_ins_code   ? 
_struct_ref_seq.pdbx_db_accession             Q13148 
_struct_ref_seq.db_align_beg                  312 
_struct_ref_seq.pdbx_db_align_beg_ins_code    ? 
_struct_ref_seq.db_align_end                  317 
_struct_ref_seq.pdbx_db_align_end_ins_code    ? 
_struct_ref_seq.pdbx_auth_seq_align_beg       312 
_struct_ref_seq.pdbx_auth_seq_align_end       317 
# 
loop_
_chem_comp.id 
_chem_comp.type 
_chem_comp.mon_nstd_flag 
_chem_comp.name 
_chem_comp.pdbx_synonyms 
_chem_comp.formula 
_chem_comp.formula_weight 
ALA 'L-peptide linking' y ALANINE       ? 'C3 H7 N O2'  89.093  
ASN 'L-peptide linking' y ASPARAGINE    ? 'C4 H8 N2 O3' 132.118 
GLY 'peptide linking'   y GLYCINE       ? 'C2 H5 N O2'  75.067  
PHE 'L-peptide linking' y PHENYLALANINE ? 'C9 H11 N O2' 165.189 
SER 'L-peptide linking' y SERINE        ? 'C3 H7 N O3'  105.093 
# 
_exptl.absorpt_coefficient_mu     ? 
_exptl.absorpt_correction_T_max   ? 
_exptl.absorpt_correction_T_min   ? 
_exptl.absorpt_correction_type    ? 
_exptl.absorpt_process_details    ? 
_exptl.entry_id                   5WHN 
_exptl.crystals_number            1 
_exptl.details                    ? 
_exptl.method                     'X-RAY DIFFRACTION' 
_exptl.method_details             ? 
# 
_exptl_crystal.colour                      ? 
_exptl_crystal.density_diffrn              ? 
_exptl_crystal.density_Matthews            ? 
_exptl_crystal.density_method              ? 
_exptl_crystal.density_percent_sol         ? 
_exptl_crystal.description                 ? 
_exptl_crystal.F_000                       ? 
_exptl_crystal.id                          1 
_exptl_crystal.preparation                 ? 
_exptl_crystal.size_max                    ? 
_exptl_crystal.size_mid                    ? 
_exptl_crystal.size_min                    ? 
_exptl_crystal.size_rad                    ? 
_exptl_crystal.colour_lustre               ? 
_exptl_crystal.colour_modifier             ? 
_exptl_crystal.colour_primary              ? 
_exptl_crystal.density_meas                ? 
_exptl_crystal.density_meas_esd            ? 
_exptl_crystal.density_meas_gt             ? 
_exptl_crystal.density_meas_lt             ? 
_exptl_crystal.density_meas_temp           ? 
_exptl_crystal.density_meas_temp_esd       ? 
_exptl_crystal.density_meas_temp_gt        ? 
_exptl_crystal.density_meas_temp_lt        ? 
_exptl_crystal.pdbx_crystal_image_url      ? 
_exptl_crystal.pdbx_crystal_image_format   ? 
_exptl_crystal.pdbx_mosaicity              ? 
_exptl_crystal.pdbx_mosaicity_esd          ? 
# 
_exptl_crystal_grow.apparatus       ? 
_exptl_crystal_grow.atmosphere      ? 
_exptl_crystal_grow.crystal_id      1 
_exptl_crystal_grow.details         ? 
_exptl_crystal_grow.method          'VAPOR DIFFUSION, HANGING DROP' 
_exptl_crystal_grow.method_ref      ? 
_exptl_crystal_grow.pH              4.2 
_exptl_crystal_grow.pressure        ? 
_exptl_crystal_grow.pressure_esd    ? 
_exptl_crystal_grow.seeding         ? 
_exptl_crystal_grow.seeding_ref     ? 
_exptl_crystal_grow.temp            298 
_exptl_crystal_grow.temp_details    ? 
_exptl_crystal_grow.temp_esd        ? 
_exptl_crystal_grow.time            ? 
_exptl_crystal_grow.pdbx_details    '100mM phosphate/citrate 4.2, 40% ethanol, 5% PEG 1000' 
_exptl_crystal_grow.pdbx_pH_range   ? 
# 
_diffrn.ambient_environment    ? 
_diffrn.ambient_temp           100 
_diffrn.ambient_temp_details   ? 
_diffrn.ambient_temp_esd       ? 
_diffrn.crystal_id             1 
_diffrn.crystal_support        ? 
_diffrn.crystal_treatment      ? 
_diffrn.details                ? 
_diffrn.id                     1 
_diffrn.ambient_pressure       ? 
_diffrn.ambient_pressure_esd   ? 
_diffrn.ambient_pressure_gt    ? 
_diffrn.ambient_pressure_lt    ? 
_diffrn.ambient_temp_gt        ? 
_diffrn.ambient_temp_lt        ? 
# 
_diffrn_detector.details                      ? 
_diffrn_detector.detector                     CCD 
_diffrn_detector.diffrn_id                    1 
_diffrn_detector.type                         'ADSC QUANTUM 315' 
_diffrn_detector.area_resol_mean              ? 
_diffrn_detector.dtime                        ? 
_diffrn_detector.pdbx_frames_total            ? 
_diffrn_detector.pdbx_collection_time_total   ? 
_diffrn_detector.pdbx_collection_date         2014-06-20 
# 
_diffrn_radiation.collimation                      ? 
_diffrn_radiation.diffrn_id                        1 
_diffrn_radiation.filter_edge                      ? 
_diffrn_radiation.inhomogeneity                    ? 
_diffrn_radiation.monochromator                    ? 
_diffrn_radiation.polarisn_norm                    ? 
_diffrn_radiation.polarisn_ratio                   ? 
_diffrn_radiation.probe                            ? 
_diffrn_radiation.type                             ? 
_diffrn_radiation.xray_symbol                      ? 
_diffrn_radiation.wavelength_id                    1 
_diffrn_radiation.pdbx_monochromatic_or_laue_m_l   M 
_diffrn_radiation.pdbx_wavelength_list             ? 
_diffrn_radiation.pdbx_wavelength                  ? 
_diffrn_radiation.pdbx_diffrn_protocol             'SINGLE WAVELENGTH' 
_diffrn_radiation.pdbx_analyzer                    ? 
_diffrn_radiation.pdbx_scattering_type             x-ray 
# 
_diffrn_radiation_wavelength.id           1 
_diffrn_radiation_wavelength.wavelength   0.9791 
_diffrn_radiation_wavelength.wt           1.0 
# 
_diffrn_source.current                     ? 
_diffrn_source.details                     ? 
_diffrn_source.diffrn_id                   1 
_diffrn_source.power                       ? 
_diffrn_source.size                        ? 
_diffrn_source.source                      SYNCHROTRON 
_diffrn_source.target                      ? 
_diffrn_source.type                        'APS BEAMLINE 24-ID-E' 
_diffrn_source.voltage                     ? 
_diffrn_source.take-off_angle              ? 
_diffrn_source.pdbx_wavelength_list        0.9791 
_diffrn_source.pdbx_wavelength             ? 
_diffrn_source.pdbx_synchrotron_beamline   24-ID-E 
_diffrn_source.pdbx_synchrotron_site       APS 
# 
_reflns.B_iso_Wilson_estimate            4.490 
_reflns.entry_id                         5WHN 
_reflns.data_reduction_details           ? 
_reflns.data_reduction_method            ? 
_reflns.d_resolution_high                1.100 
_reflns.d_resolution_low                 13.253 
_reflns.details                          ? 
_reflns.limit_h_max                      ? 
_reflns.limit_h_min                      ? 
_reflns.limit_k_max                      ? 
_reflns.limit_k_min                      ? 
_reflns.limit_l_max                      ? 
_reflns.limit_l_min                      ? 
_reflns.number_all                       ? 
_reflns.number_obs                       1447 
_reflns.observed_criterion               ? 
_reflns.observed_criterion_F_max         ? 
_reflns.observed_criterion_F_min         ? 
_reflns.observed_criterion_I_max         ? 
_reflns.observed_criterion_I_min         ? 
_reflns.observed_criterion_sigma_F       ? 
_reflns.observed_criterion_sigma_I       -3.000 
_reflns.percent_possible_obs             94.000 
_reflns.R_free_details                   ? 
_reflns.Rmerge_F_all                     ? 
_reflns.Rmerge_F_obs                     ? 
_reflns.Friedel_coverage                 ? 
_reflns.number_gt                        ? 
_reflns.threshold_expression             ? 
_reflns.pdbx_redundancy                  8.299 
_reflns.pdbx_Rmerge_I_obs                0.172 
_reflns.pdbx_Rmerge_I_all                ? 
_reflns.pdbx_Rsym_value                  ? 
_reflns.pdbx_netI_over_av_sigmaI         ? 
_reflns.pdbx_netI_over_sigmaI            9.650 
_reflns.pdbx_res_netI_over_av_sigmaI_2   ? 
_reflns.pdbx_res_netI_over_sigmaI_2      ? 
_reflns.pdbx_chi_squared                 0.955 
_reflns.pdbx_scaling_rejects             11 
_reflns.pdbx_d_res_high_opt              ? 
_reflns.pdbx_d_res_low_opt               ? 
_reflns.pdbx_d_res_opt_method            ? 
_reflns.phase_calculation_details        ? 
_reflns.pdbx_Rrim_I_all                  0.184 
_reflns.pdbx_Rpim_I_all                  ? 
_reflns.pdbx_d_opt                       ? 
_reflns.pdbx_number_measured_all         12008 
_reflns.pdbx_diffrn_id                   1 
_reflns.pdbx_ordinal                     1 
_reflns.pdbx_CC_half                     0.991 
_reflns.pdbx_R_split                     ? 
# 
loop_
_reflns_shell.d_res_high 
_reflns_shell.d_res_low 
_reflns_shell.meanI_over_sigI_all 
_reflns_shell.meanI_over_sigI_obs 
_reflns_shell.number_measured_all 
_reflns_shell.number_measured_obs 
_reflns_shell.number_possible 
_reflns_shell.number_unique_all 
_reflns_shell.number_unique_obs 
_reflns_shell.percent_possible_all 
_reflns_shell.percent_possible_obs 
_reflns_shell.Rmerge_F_all 
_reflns_shell.Rmerge_F_obs 
_reflns_shell.Rmerge_I_all 
_reflns_shell.Rmerge_I_obs 
_reflns_shell.meanI_over_sigI_gt 
_reflns_shell.meanI_over_uI_all 
_reflns_shell.meanI_over_uI_gt 
_reflns_shell.number_measured_gt 
_reflns_shell.number_unique_gt 
_reflns_shell.percent_possible_gt 
_reflns_shell.Rmerge_F_gt 
_reflns_shell.Rmerge_I_gt 
_reflns_shell.pdbx_redundancy 
_reflns_shell.pdbx_Rsym_value 
_reflns_shell.pdbx_chi_squared 
_reflns_shell.pdbx_netI_over_sigmaI_all 
_reflns_shell.pdbx_netI_over_sigmaI_obs 
_reflns_shell.pdbx_Rrim_I_all 
_reflns_shell.pdbx_Rpim_I_all 
_reflns_shell.pdbx_rejects 
_reflns_shell.pdbx_ordinal 
_reflns_shell.pdbx_diffrn_id 
_reflns_shell.pdbx_CC_half 
_reflns_shell.pdbx_R_split 
1.100 1.140  ? 2.520  ? ? ? ? 123 75.900  ? ? ? ? 0.726 ? ? ? ? ? ? ? ? 6.374 ? ? ? ? 0.789 ? ? 1  1 0.823 ? 
1.140 1.190  ? 3.850  ? ? ? ? 142 90.400  ? ? ? ? 0.517 ? ? ? ? ? ? ? ? 7.535 ? ? ? ? 0.553 ? ? 2  1 0.909 ? 
1.190 1.240  ? 6.020  ? ? ? ? 119 83.800  ? ? ? ? 0.423 ? ? ? ? ? ? ? ? 9.681 ? ? ? ? 0.448 ? ? 3  1 0.941 ? 
1.240 1.300  ? 7.060  ? ? ? ? 124 100.000 ? ? ? ? 0.359 ? ? ? ? ? ? ? ? 9.347 ? ? ? ? 0.383 ? ? 4  1 0.963 ? 
1.300 1.370  ? 7.470  ? ? ? ? 125 99.200  ? ? ? ? 0.332 ? ? ? ? ? ? ? ? 9.376 ? ? ? ? 0.352 ? ? 5  1 0.958 ? 
1.370 1.450  ? 8.660  ? ? ? ? 127 100.000 ? ? ? ? 0.284 ? ? ? ? ? ? ? ? 8.961 ? ? ? ? 0.303 ? ? 6  1 0.935 ? 
1.450 1.550  ? 8.980  ? ? ? ? 127 98.400  ? ? ? ? 0.203 ? ? ? ? ? ? ? ? 7.921 ? ? ? ? 0.218 ? ? 7  1 0.988 ? 
1.550 1.680  ? 10.780 ? ? ? ? 108 94.700  ? ? ? ? 0.182 ? ? ? ? ? ? ? ? 8.167 ? ? ? ? 0.196 ? ? 8  1 0.983 ? 
1.680 1.840  ? 13.690 ? ? ? ? 91  97.800  ? ? ? ? 0.153 ? ? ? ? ? ? ? ? 8.879 ? ? ? ? 0.164 ? ? 9  1 0.964 ? 
1.840 2.060  ? 14.980 ? ? ? ? 92  100.000 ? ? ? ? 0.119 ? ? ? ? ? ? ? ? 9.043 ? ? ? ? 0.127 ? ? 10 1 0.993 ? 
2.060 2.380  ? 16.290 ? ? ? ? 99  100.000 ? ? ? ? 0.112 ? ? ? ? ? ? ? ? 7.939 ? ? ? ? 0.120 ? ? 11 1 0.990 ? 
2.380 2.910  ? 16.970 ? ? ? ? 70  98.600  ? ? ? ? 0.097 ? ? ? ? ? ? ? ? 7.229 ? ? ? ? 0.106 ? ? 12 1 0.992 ? 
2.910 4.110  ? 18.550 ? ? ? ? 62  100.000 ? ? ? ? 0.093 ? ? ? ? ? ? ? ? 7.968 ? ? ? ? 0.099 ? ? 13 1 0.996 ? 
4.110 13.253 ? 15.950 ? ? ? ? 38  92.700  ? ? ? ? 0.094 ? ? ? ? ? ? ? ? 5.763 ? ? ? ? 0.103 ? ? 14 1 0.989 ? 
# 
_refine.aniso_B[1][1]                            ? 
_refine.aniso_B[1][2]                            ? 
_refine.aniso_B[1][3]                            ? 
_refine.aniso_B[2][2]                            ? 
_refine.aniso_B[2][3]                            ? 
_refine.aniso_B[3][3]                            ? 
_refine.B_iso_max                                8.390 
_refine.B_iso_mean                               4.5500 
_refine.B_iso_min                                3.060 
_refine.correlation_coeff_Fo_to_Fc               ? 
_refine.correlation_coeff_Fo_to_Fc_free          ? 
_refine.details                                  ? 
_refine.diff_density_max                         ? 
_refine.diff_density_max_esd                     ? 
_refine.diff_density_min                         ? 
_refine.diff_density_min_esd                     ? 
_refine.diff_density_rms                         ? 
_refine.diff_density_rms_esd                     ? 
_refine.entry_id                                 5WHN 
_refine.pdbx_refine_id                           'X-RAY DIFFRACTION' 
_refine.ls_abs_structure_details                 ? 
_refine.ls_abs_structure_Flack                   ? 
_refine.ls_abs_structure_Flack_esd               ? 
_refine.ls_abs_structure_Rogers                  ? 
_refine.ls_abs_structure_Rogers_esd              ? 
_refine.ls_d_res_high                            1.100 
_refine.ls_d_res_low                             13.2530 
_refine.ls_extinction_coef                       ? 
_refine.ls_extinction_coef_esd                   ? 
_refine.ls_extinction_expression                 ? 
_refine.ls_extinction_method                     ? 
_refine.ls_goodness_of_fit_all                   ? 
_refine.ls_goodness_of_fit_all_esd               ? 
_refine.ls_goodness_of_fit_obs                   ? 
_refine.ls_goodness_of_fit_obs_esd               ? 
_refine.ls_hydrogen_treatment                    ? 
_refine.ls_matrix_type                           ? 
_refine.ls_number_constraints                    ? 
_refine.ls_number_parameters                     ? 
_refine.ls_number_reflns_all                     ? 
_refine.ls_number_reflns_obs                     1445 
_refine.ls_number_reflns_R_free                  145 
_refine.ls_number_reflns_R_work                  ? 
_refine.ls_number_restraints                     ? 
_refine.ls_percent_reflns_obs                    93.8900 
_refine.ls_percent_reflns_R_free                 10.0300 
_refine.ls_R_factor_all                          ? 
_refine.ls_R_factor_obs                          0.1360 
_refine.ls_R_factor_R_free                       0.1601 
_refine.ls_R_factor_R_free_error                 ? 
_refine.ls_R_factor_R_free_error_details         ? 
_refine.ls_R_factor_R_work                       0.1334 
_refine.ls_R_Fsqd_factor_obs                     ? 
_refine.ls_R_I_factor_obs                        ? 
_refine.ls_redundancy_reflns_all                 ? 
_refine.ls_redundancy_reflns_obs                 ? 
_refine.ls_restrained_S_all                      ? 
_refine.ls_restrained_S_obs                      ? 
_refine.ls_shift_over_esd_max                    ? 
_refine.ls_shift_over_esd_mean                   ? 
_refine.ls_structure_factor_coef                 ? 
_refine.ls_weighting_details                     ? 
_refine.ls_weighting_scheme                      ? 
_refine.ls_wR_factor_all                         ? 
_refine.ls_wR_factor_obs                         ? 
_refine.ls_wR_factor_R_free                      ? 
_refine.ls_wR_factor_R_work                      ? 
_refine.occupancy_max                            ? 
_refine.occupancy_min                            ? 
_refine.solvent_model_details                    ? 
_refine.solvent_model_param_bsol                 ? 
_refine.solvent_model_param_ksol                 ? 
_refine.ls_R_factor_gt                           ? 
_refine.ls_goodness_of_fit_gt                    ? 
_refine.ls_goodness_of_fit_ref                   ? 
_refine.ls_shift_over_su_max                     ? 
_refine.ls_shift_over_su_max_lt                  ? 
_refine.ls_shift_over_su_mean                    ? 
_refine.ls_shift_over_su_mean_lt                 ? 
_refine.pdbx_ls_sigma_I                          ? 
_refine.pdbx_ls_sigma_F                          1.380 
_refine.pdbx_ls_sigma_Fsqd                       ? 
_refine.pdbx_data_cutoff_high_absF               ? 
_refine.pdbx_data_cutoff_high_rms_absF           ? 
_refine.pdbx_data_cutoff_low_absF                ? 
_refine.pdbx_isotropic_thermal_model             ? 
_refine.pdbx_ls_cross_valid_method               'FREE R-VALUE' 
_refine.pdbx_method_to_determine_struct          'MOLECULAR REPLACEMENT' 
_refine.pdbx_starting_model                      3DGJ 
_refine.pdbx_stereochemistry_target_values       ? 
_refine.pdbx_R_Free_selection_details            ? 
_refine.pdbx_stereochem_target_val_spec_case     ? 
_refine.pdbx_overall_ESU_R                       ? 
_refine.pdbx_overall_ESU_R_Free                  ? 
_refine.pdbx_solvent_vdw_probe_radii             1.1100 
_refine.pdbx_solvent_ion_probe_radii             ? 
_refine.pdbx_solvent_shrinkage_radii             0.9000 
_refine.pdbx_real_space_R                        ? 
_refine.pdbx_density_correlation                 ? 
_refine.pdbx_pd_number_of_powder_patterns        ? 
_refine.pdbx_pd_number_of_points                 ? 
_refine.pdbx_pd_meas_number_of_points            ? 
_refine.pdbx_pd_proc_ls_prof_R_factor            ? 
_refine.pdbx_pd_proc_ls_prof_wR_factor           ? 
_refine.pdbx_pd_Marquardt_correlation_coeff      ? 
_refine.pdbx_pd_Fsqrd_R_factor                   ? 
_refine.pdbx_pd_ls_matrix_band_width             ? 
_refine.pdbx_overall_phase_error                 14.3000 
_refine.pdbx_overall_SU_R_free_Cruickshank_DPI   ? 
_refine.pdbx_overall_SU_R_free_Blow_DPI          ? 
_refine.pdbx_overall_SU_R_Blow_DPI               ? 
_refine.pdbx_TLS_residual_ADP_flag               ? 
_refine.pdbx_diffrn_id                           1 
_refine.overall_SU_B                             ? 
_refine.overall_SU_ML                            0.0700 
_refine.overall_SU_R_Cruickshank_DPI             ? 
_refine.overall_SU_R_free                        ? 
_refine.overall_FOM_free_R_set                   ? 
_refine.overall_FOM_work_R_set                   ? 
_refine.pdbx_average_fsc_overall                 ? 
_refine.pdbx_average_fsc_work                    ? 
_refine.pdbx_average_fsc_free                    ? 
# 
_refine_hist.cycle_id                         final 
_refine_hist.pdbx_refine_id                   'X-RAY DIFFRACTION' 
_refine_hist.d_res_high                       1.100 
_refine_hist.d_res_low                        13.2530 
_refine_hist.pdbx_number_atoms_ligand         0 
_refine_hist.number_atoms_solvent             0 
_refine_hist.number_atoms_total               46 
_refine_hist.pdbx_number_residues_total       6 
_refine_hist.pdbx_number_atoms_protein        46 
_refine_hist.pdbx_number_atoms_nucleic_acid   0 
# 
loop_
_refine_ls_restr.pdbx_refine_id 
_refine_ls_restr.criterion 
_refine_ls_restr.dev_ideal 
_refine_ls_restr.dev_ideal_target 
_refine_ls_restr.number 
_refine_ls_restr.rejects 
_refine_ls_restr.type 
_refine_ls_restr.weight 
_refine_ls_restr.pdbx_restraint_function 
'X-RAY DIFFRACTION' ? 0.006  ? 52 ? f_bond_d           ? ? 
'X-RAY DIFFRACTION' ? 0.950  ? 70 ? f_angle_d          ? ? 
'X-RAY DIFFRACTION' ? 0.100  ? 6  ? f_chiral_restr     ? ? 
'X-RAY DIFFRACTION' ? 0.005  ? 10 ? f_plane_restr      ? ? 
'X-RAY DIFFRACTION' ? 12.682 ? 16 ? f_dihedral_angle_d ? ? 
# 
_refine_ls_shell.pdbx_refine_id                   'X-RAY DIFFRACTION' 
_refine_ls_shell.d_res_high                       1.0995 
_refine_ls_shell.d_res_low                        13.2538 
_refine_ls_shell.number_reflns_all                1445 
_refine_ls_shell.number_reflns_obs                ? 
_refine_ls_shell.number_reflns_R_free             145 
_refine_ls_shell.number_reflns_R_work             1300 
_refine_ls_shell.percent_reflns_obs               94.0000 
_refine_ls_shell.percent_reflns_R_free            ? 
_refine_ls_shell.R_factor_all                     ? 
_refine_ls_shell.R_factor_obs                     ? 
_refine_ls_shell.R_factor_R_free                  0.1601 
_refine_ls_shell.R_factor_R_free_error            0.0000 
_refine_ls_shell.R_factor_R_work                  0.1334 
_refine_ls_shell.redundancy_reflns_all            ? 
_refine_ls_shell.redundancy_reflns_obs            ? 
_refine_ls_shell.wR_factor_all                    ? 
_refine_ls_shell.wR_factor_obs                    ? 
_refine_ls_shell.wR_factor_R_free                 ? 
_refine_ls_shell.wR_factor_R_work                 ? 
_refine_ls_shell.pdbx_total_number_of_bins_used   1 
_refine_ls_shell.pdbx_phase_error                 ? 
_refine_ls_shell.pdbx_fsc_work                    ? 
_refine_ls_shell.pdbx_fsc_free                    ? 
# 
_struct.entry_id                     5WHN 
_struct.title                        
'Crystal structure of the segment, NFGAFS, from the low complexity domain of TDP-43, residues 312-317' 
_struct.pdbx_model_details           ? 
_struct.pdbx_formula_weight          ? 
_struct.pdbx_formula_weight_method   ? 
_struct.pdbx_model_type_details      ? 
_struct.pdbx_CASP_flag               N 
# 
_struct_keywords.entry_id        5WHN 
_struct_keywords.text            'Amyloid, LARKS, TDP-43, PROTEIN FIBRIL' 
_struct_keywords.pdbx_keywords   'PROTEIN FIBRIL' 
# 
_struct_asym.id                            A 
_struct_asym.pdbx_blank_PDB_chainid_flag   N 
_struct_asym.pdbx_modified                 N 
_struct_asym.entity_id                     1 
_struct_asym.details                       ? 
# 
_atom_sites.entry_id                    5WHN 
_atom_sites.fract_transf_matrix[1][1]   0.07189637 
_atom_sites.fract_transf_matrix[1][2]   0.00612489 
_atom_sites.fract_transf_matrix[1][3]   -0.00540579 
_atom_sites.fract_transf_matrix[2][1]   0.01690934 
_atom_sites.fract_transf_matrix[2][2]   -0.01780490 
_atom_sites.fract_transf_matrix[2][3]   0.20471865 
_atom_sites.fract_transf_matrix[3][1]   0.00166008 
_atom_sites.fract_transf_matrix[3][2]   -0.02123801 
_atom_sites.fract_transf_matrix[3][3]   -0.00198424 
_atom_sites.fract_transf_vector[1]      -0.207701 
_atom_sites.fract_transf_vector[2]      -0.278852 
_atom_sites.fract_transf_vector[3]      0.153332 
# 
loop_
_atom_type.symbol 
C 
N 
O 
# 
loop_
_atom_site.group_PDB 
_atom_site.id 
_atom_site.type_symbol 
_atom_site.label_atom_id 
_atom_site.label_alt_id 
_atom_site.label_comp_id 
_atom_site.label_asym_id 
_atom_site.label_entity_id 
_atom_site.label_seq_id 
_atom_site.pdbx_PDB_ins_code 
_atom_site.Cartn_x 
_atom_site.Cartn_y 
_atom_site.Cartn_z 
_atom_site.occupancy 
_atom_site.B_iso_or_equiv 
_atom_site.pdbx_formal_charge 
_atom_site.auth_seq_id 
_atom_site.auth_comp_id 
_atom_site.auth_asym_id 
_atom_site.auth_atom_id 
_atom_site.pdbx_PDB_model_num 
ATOM 1  N N   . ASN A 1 1 ? 8.714  -3.353 0.499  1.00 5.01 ? 312 ASN A N   1 
ATOM 2  C CA  . ASN A 1 1 ? 7.311  -3.445 0.090  1.00 3.34 ? 312 ASN A CA  1 
ATOM 3  C C   . ASN A 1 1 ? 6.554  -2.278 0.712  1.00 3.17 ? 312 ASN A C   1 
ATOM 4  O O   . ASN A 1 1 ? 6.675  -2.043 1.906  1.00 4.44 ? 312 ASN A O   1 
ATOM 5  C CB  . ASN A 1 1 ? 6.713  -4.771 0.583  1.00 4.07 ? 312 ASN A CB  1 
ATOM 6  C CG  . ASN A 1 1 ? 5.324  -5.013 0.044  1.00 5.26 ? 312 ASN A CG  1 
ATOM 7  O OD1 . ASN A 1 1 ? 5.092  -4.936 -1.160 1.00 6.90 ? 312 ASN A OD1 1 
ATOM 8  N ND2 . ASN A 1 1 ? 4.382  -5.287 0.935  1.00 5.63 ? 312 ASN A ND2 1 
ATOM 9  N N   . PHE A 1 2 ? 5.795  -1.545 -0.093 1.00 3.15 ? 313 PHE A N   1 
ATOM 10 C CA  . PHE A 1 2 ? 5.098  -0.356 0.371  1.00 3.08 ? 313 PHE A CA  1 
ATOM 11 C C   . PHE A 1 2 ? 3.677  -0.372 -0.151 1.00 3.11 ? 313 PHE A C   1 
ATOM 12 O O   . PHE A 1 2 ? 3.466  -0.427 -1.363 1.00 3.48 ? 313 PHE A O   1 
ATOM 13 C CB  . PHE A 1 2 ? 5.817  0.905  -0.134 1.00 3.06 ? 313 PHE A CB  1 
ATOM 14 C CG  . PHE A 1 2 ? 5.168  2.198  0.304  1.00 3.06 ? 313 PHE A CG  1 
ATOM 15 C CD1 . PHE A 1 2 ? 4.026  2.671  -0.338 1.00 3.79 ? 313 PHE A CD1 1 
ATOM 16 C CD2 . PHE A 1 2 ? 5.682  2.923  1.360  1.00 3.43 ? 313 PHE A CD2 1 
ATOM 17 C CE1 . PHE A 1 2 ? 3.410  3.849  0.066  1.00 4.18 ? 313 PHE A CE1 1 
ATOM 18 C CE2 . PHE A 1 2 ? 5.087  4.106  1.765  1.00 5.09 ? 313 PHE A CE2 1 
ATOM 19 C CZ  . PHE A 1 2 ? 3.946  4.565  1.125  1.00 5.34 ? 313 PHE A CZ  1 
ATOM 20 N N   . GLY A 1 3 ? 2.710  -0.312 0.756  1.00 3.10 ? 314 GLY A N   1 
ATOM 21 C CA  . GLY A 1 3 ? 1.313  -0.214 0.374  1.00 3.54 ? 314 GLY A CA  1 
ATOM 22 C C   . GLY A 1 3 ? 0.620  0.908  1.122  1.00 4.63 ? 314 GLY A C   1 
ATOM 23 O O   . GLY A 1 3 ? 0.746  1.016  2.347  1.00 5.96 ? 314 GLY A O   1 
ATOM 24 N N   . ALA A 1 4 ? -0.086 1.756  0.384  1.00 3.09 ? 315 ALA A N   1 
ATOM 25 C CA  . ALA A 1 4 ? -0.892 2.813  0.976  1.00 3.78 ? 315 ALA A CA  1 
ATOM 26 C C   . ALA A 1 4 ? -2.259 2.800  0.290  1.00 3.24 ? 315 ALA A C   1 
ATOM 27 O O   . ALA A 1 4 ? -2.334 2.874  -0.943 1.00 3.85 ? 315 ALA A O   1 
ATOM 28 C CB  . ALA A 1 4 ? -0.214 4.173  0.810  1.00 4.63 ? 315 ALA A CB  1 
ATOM 29 N N   . PHE A 1 5 ? -3.335 2.723  1.070  1.00 3.16 ? 316 PHE A N   1 
ATOM 30 C CA  . PHE A 1 5 ? -4.680 2.652  0.483  1.00 3.40 ? 316 PHE A CA  1 
ATOM 31 C C   . PHE A 1 5 ? -4.748 1.544  -0.563 1.00 3.37 ? 316 PHE A C   1 
ATOM 32 O O   . PHE A 1 5 ? -5.285 1.724  -1.651 1.00 4.45 ? 316 PHE A O   1 
ATOM 33 C CB  . PHE A 1 5 ? -5.077 4.015  -0.096 1.00 4.82 ? 316 PHE A CB  1 
ATOM 34 C CG  . PHE A 1 5 ? -5.183 5.077  0.958  1.00 3.83 ? 316 PHE A CG  1 
ATOM 35 C CD1 . PHE A 1 5 ? -6.385 5.279  1.627  1.00 4.06 ? 316 PHE A CD1 1 
ATOM 36 C CD2 . PHE A 1 5 ? -4.074 5.832  1.328  1.00 4.39 ? 316 PHE A CD2 1 
ATOM 37 C CE1 . PHE A 1 5 ? -6.487 6.226  2.631  1.00 5.36 ? 316 PHE A CE1 1 
ATOM 38 C CE2 . PHE A 1 5 ? -4.170 6.777  2.339  1.00 5.05 ? 316 PHE A CE2 1 
ATOM 39 C CZ  . PHE A 1 5 ? -5.383 6.979  2.986  1.00 4.81 ? 316 PHE A CZ  1 
ATOM 40 N N   . SER A 1 6 ? -4.208 0.383  -0.206 1.00 4.30 ? 317 SER A N   1 
ATOM 41 C CA  A SER A 1 6 ? -4.049 -0.726 -1.144 0.50 5.09 ? 317 SER A CA  1 
ATOM 42 C CA  B SER A 1 6 ? -4.101 -0.725 -1.150 0.50 4.89 ? 317 SER A CA  1 
ATOM 43 C C   . SER A 1 6 ? -4.180 -2.055 -0.434 1.00 5.71 ? 317 SER A C   1 
ATOM 44 O O   . SER A 1 6 ? -4.403 -2.078 0.773  1.00 8.39 ? 317 SER A O   1 
ATOM 45 C CB  A SER A 1 6 ? -2.675 -0.668 -1.820 0.50 6.46 ? 317 SER A CB  1 
ATOM 46 C CB  B SER A 1 6 ? -2.781 -0.653 -1.922 0.50 6.92 ? 317 SER A CB  1 
ATOM 47 O OG  A SER A 1 6 ? -2.591 0.433  -2.707 0.50 5.94 ? 317 SER A OG  1 
ATOM 48 O OG  B SER A 1 6 ? -1.673 -0.775 -1.053 0.50 6.82 ? 317 SER A OG  1 
ATOM 49 O OXT A SER A 1 6 ? -4.049 -3.124 -1.053 0.50 6.09 ? 317 SER A OXT 1 
ATOM 50 O OXT B SER A 1 6 ? -4.010 -3.121 -1.047 0.50 5.96 ? 317 SER A OXT 1 
# 
loop_
_atom_site_anisotrop.id 
_atom_site_anisotrop.type_symbol 
_atom_site_anisotrop.pdbx_label_atom_id 
_atom_site_anisotrop.pdbx_label_alt_id 
_atom_site_anisotrop.pdbx_label_comp_id 
_atom_site_anisotrop.pdbx_label_asym_id 
_atom_site_anisotrop.pdbx_label_seq_id 
_atom_site_anisotrop.pdbx_PDB_ins_code 
_atom_site_anisotrop.U[1][1] 
_atom_site_anisotrop.U[2][2] 
_atom_site_anisotrop.U[3][3] 
_atom_site_anisotrop.U[1][2] 
_atom_site_anisotrop.U[1][3] 
_atom_site_anisotrop.U[2][3] 
_atom_site_anisotrop.pdbx_auth_seq_id 
_atom_site_anisotrop.pdbx_auth_comp_id 
_atom_site_anisotrop.pdbx_auth_asym_id 
_atom_site_anisotrop.pdbx_auth_atom_id 
1  N N   . ASN A 1 ? 0.0626 0.0729 0.0549 0.0082 0.0069  -0.0037 312 ASN A N   
2  C CA  . ASN A 1 ? 0.0413 0.0486 0.0369 0.0079 0.0058  -0.0042 312 ASN A CA  
3  C C   . ASN A 1 ? 0.0403 0.0466 0.0336 0.0077 0.0052  -0.0024 312 ASN A C   
4  O O   . ASN A 1 ? 0.0559 0.0639 0.0491 0.0092 0.0063  -0.0006 312 ASN A O   
5  C CB  . ASN A 1 ? 0.0479 0.0545 0.0523 0.0098 0.0074  -0.0030 312 ASN A CB  
6  C CG  . ASN A 1 ? 0.0623 0.0661 0.0713 0.0092 0.0061  -0.0041 312 ASN A CG  
7  O OD1 . ASN A 1 ? 0.0835 0.0870 0.0914 0.0078 0.0042  -0.0076 312 ASN A OD1 
8  N ND2 . ASN A 1 ? 0.0654 0.0685 0.0799 0.0105 0.0071  -0.0008 312 ASN A ND2 
9  N N   . PHE A 2 ? 0.0413 0.0455 0.0329 0.0062 0.0033  -0.0034 313 PHE A N   
10 C CA  . PHE A 2 ? 0.0414 0.0442 0.0313 0.0058 0.0024  -0.0021 313 PHE A CA  
11 C C   . PHE A 2 ? 0.0419 0.0424 0.0341 0.0055 0.0013  -0.0022 313 PHE A C   
12 O O   . PHE A 2 ? 0.0466 0.0472 0.0382 0.0043 0.0000  -0.0036 313 PHE A O   
13 C CB  . PHE A 2 ? 0.0425 0.0457 0.0281 0.0040 0.0012  -0.0024 313 PHE A CB  
14 C CG  . PHE A 2 ? 0.0431 0.0443 0.0287 0.0037 0.0002  -0.0017 313 PHE A CG  
15 C CD1 . PHE A 2 ? 0.0529 0.0518 0.0392 0.0031 -0.0011 -0.0010 313 PHE A CD1 
16 C CD2 . PHE A 2 ? 0.0476 0.0498 0.0330 0.0044 0.0004  -0.0023 313 PHE A CD2 
17 C CE1 . PHE A 2 ? 0.0582 0.0552 0.0454 0.0030 -0.0020 -0.0005 313 PHE A CE1 
18 C CE2 . PHE A 2 ? 0.0686 0.0693 0.0553 0.0043 -0.0007 -0.0026 313 PHE A CE2 
19 C CZ  . PHE A 2 ? 0.0725 0.0700 0.0602 0.0037 -0.0018 -0.0016 313 PHE A CZ  
20 N N   . GLY A 3 ? 0.0411 0.0406 0.0360 0.0069 0.0016  -0.0006 314 GLY A N   
21 C CA  . GLY A 3 ? 0.0466 0.0441 0.0436 0.0067 0.0006  -0.0003 314 GLY A CA  
22 C C   . GLY A 3 ? 0.0610 0.0578 0.0569 0.0074 0.0002  0.0011  314 GLY A C   
23 O O   . GLY A 3 ? 0.0772 0.0760 0.0734 0.0093 0.0013  0.0021  314 GLY A O   
24 N N   . ALA A 4 ? 0.0427 0.0375 0.0374 0.0061 -0.0016 0.0009  315 ALA A N   
25 C CA  . ALA A 4 ? 0.0518 0.0455 0.0464 0.0069 -0.0022 0.0017  315 ALA A CA  
26 C C   . ALA A 4 ? 0.0448 0.0370 0.0412 0.0065 -0.0032 0.0025  315 ALA A C   
27 O O   . ALA A 4 ? 0.0528 0.0452 0.0482 0.0050 -0.0044 0.0021  315 ALA A O   
28 C CB  . ALA A 4 ? 0.0636 0.0564 0.0558 0.0057 -0.0032 0.0012  315 ALA A CB  
29 N N   . PHE A 5 ? 0.0430 0.0351 0.0420 0.0081 -0.0029 0.0037  316 PHE A N   
30 C CA  . PHE A 5 ? 0.0456 0.0367 0.0468 0.0079 -0.0039 0.0044  316 PHE A CA  
31 C C   . PHE A 5 ? 0.0443 0.0362 0.0477 0.0067 -0.0043 0.0030  316 PHE A C   
32 O O   . PHE A 5 ? 0.0579 0.0502 0.0609 0.0056 -0.0058 0.0021  316 PHE A O   
33 C CB  . PHE A 5 ? 0.0650 0.0545 0.0639 0.0070 -0.0054 0.0047  316 PHE A CB  
34 C CG  . PHE A 5 ? 0.0526 0.0415 0.0514 0.0085 -0.0055 0.0049  316 PHE A CG  
35 C CD1 . PHE A 5 ? 0.0549 0.0439 0.0556 0.0103 -0.0055 0.0058  316 PHE A CD1 
36 C CD2 . PHE A 5 ? 0.0603 0.0489 0.0576 0.0082 -0.0054 0.0037  316 PHE A CD2 
37 C CE1 . PHE A 5 ? 0.0711 0.0605 0.0721 0.0121 -0.0056 0.0050  316 PHE A CE1 
38 C CE2 . PHE A 5 ? 0.0682 0.0570 0.0666 0.0098 -0.0057 0.0024  316 PHE A CE2 
39 C CZ  . PHE A 5 ? 0.0643 0.0538 0.0645 0.0120 -0.0058 0.0028  316 PHE A CZ  
40 N N   . SER A 6 ? 0.0547 0.0474 0.0614 0.0072 -0.0030 0.0026  317 SER A N   
41 C CA  A SER A 6 ? 0.0632 0.0569 0.0734 0.0063 -0.0034 -0.0001 317 SER A CA  
42 C CA  B SER A 6 ? 0.0606 0.0543 0.0709 0.0062 -0.0034 -0.0001 317 SER A CA  
43 C C   . SER A 6 ? 0.0682 0.0620 0.0864 0.0074 -0.0017 0.0008  317 SER A C   
44 O O   . SER A 6 ? 0.1015 0.0957 0.1216 0.0092 -0.0001 0.0043  317 SER A O   
45 C CB  A SER A 6 ? 0.0816 0.0766 0.0874 0.0053 -0.0036 -0.0021 317 SER A CB  
46 C CB  B SER A 6 ? 0.0872 0.0823 0.0931 0.0052 -0.0038 -0.0023 317 SER A CB  
47 O OG  A SER A 6 ? 0.0765 0.0725 0.0768 0.0041 -0.0051 -0.0022 317 SER A OG  
48 O OG  B SER A 6 ? 0.0865 0.0816 0.0912 0.0059 -0.0021 -0.0012 317 SER A OG  
49 O OXT A SER A 6 ? 0.0711 0.0653 0.0948 0.0069 -0.0019 -0.0018 317 SER A OXT 
50 O OXT B SER A 6 ? 0.0695 0.0637 0.0931 0.0069 -0.0019 -0.0018 317 SER A OXT 
# 
loop_
_pdbx_poly_seq_scheme.asym_id 
_pdbx_poly_seq_scheme.entity_id 
_pdbx_poly_seq_scheme.seq_id 
_pdbx_poly_seq_scheme.mon_id 
_pdbx_poly_seq_scheme.ndb_seq_num 
_pdbx_poly_seq_scheme.pdb_seq_num 
_pdbx_poly_seq_scheme.auth_seq_num 
_pdbx_poly_seq_scheme.pdb_mon_id 
_pdbx_poly_seq_scheme.auth_mon_id 
_pdbx_poly_seq_scheme.pdb_strand_id 
_pdbx_poly_seq_scheme.pdb_ins_code 
_pdbx_poly_seq_scheme.hetero 
A 1 1 ASN 1 312 1 ASN ASN A . n 
A 1 2 PHE 2 313 2 PHE PHE A . n 
A 1 3 GLY 3 314 3 GLY GLY A . n 
A 1 4 ALA 4 315 4 ALA ALA A . n 
A 1 5 PHE 5 316 5 PHE PHE A . n 
A 1 6 SER 6 317 6 SER SER A . n 
# 
_pdbx_struct_assembly.id                   1 
_pdbx_struct_assembly.details              author_defined_assembly 
_pdbx_struct_assembly.method_details       ? 
_pdbx_struct_assembly.oligomeric_details   pentadecameric 
_pdbx_struct_assembly.oligomeric_count     15 
# 
_pdbx_struct_assembly_gen.assembly_id       1 
_pdbx_struct_assembly_gen.oper_expression   1,2,3,4,5,6,7,8,9,10,11,12,13,14,15 
_pdbx_struct_assembly_gen.asym_id_list      A 
# 
loop_
_pdbx_struct_oper_list.id 
_pdbx_struct_oper_list.type 
_pdbx_struct_oper_list.name 
_pdbx_struct_oper_list.symmetry_operation 
_pdbx_struct_oper_list.matrix[1][1] 
_pdbx_struct_oper_list.matrix[1][2] 
_pdbx_struct_oper_list.matrix[1][3] 
_pdbx_struct_oper_list.vector[1] 
_pdbx_struct_oper_list.matrix[2][1] 
_pdbx_struct_oper_list.matrix[2][2] 
_pdbx_struct_oper_list.matrix[2][3] 
_pdbx_struct_oper_list.vector[2] 
_pdbx_struct_oper_list.matrix[3][1] 
_pdbx_struct_oper_list.matrix[3][2] 
_pdbx_struct_oper_list.matrix[3][3] 
_pdbx_struct_oper_list.vector[3] 
1  'identity operation'         1_555 x,y,z           1.0000000000 0.0000000000 0.0000000000  0.0000000000  0.0000000000 1.0000000000  0.0000000000  0.0000000000  0.0000000000  0.0000000000  1.0000000000  0.0000000000  
2  'crystal symmetry operation' 1_535 x,y-2,z         1.0000000000 0.0000000000 0.0000000000  -0.7954981810 0.0000000000 1.0000000000  0.0000000000  0.8376298948  0.0000000000  0.0000000000  1.0000000000  -9.6309687365 
3  'crystal symmetry operation' 1_545 x,y-1,z         1.0000000000 0.0000000000 0.0000000000  -0.3977490905 0.0000000000 1.0000000000  0.0000000000  0.4188149474  0.0000000000  0.0000000000  1.0000000000  -4.8154843682 
4  'crystal symmetry operation' 1_565 x,y+1,z         1.0000000000 0.0000000000 0.0000000000  0.3977490905  0.0000000000 1.0000000000  0.0000000000  -0.4188149474 0.0000000000  0.0000000000  1.0000000000  4.8154843682  
5  'crystal symmetry operation' 1_575 x,y+2,z         1.0000000000 0.0000000000 0.0000000000  0.7954981810  0.0000000000 1.0000000000  0.0000000000  -0.8376298948 0.0000000000  0.0000000000  1.0000000000  9.6309687365  
6  'crystal symmetry operation' 4_455 x-1/2,-y+1/2,-z 0.9745075993 0.1682092997 -0.1484606694 -7.5572818414 0.1682092997 -0.9856701648 -0.0126474394 13.2003676362 -0.1484606694 -0.0126474394 -0.9888374345 6.9389116117  
7  'crystal symmetry operation' 4_445 x-1/2,-y-1/2,-z 0.9745075993 0.1682092997 -0.1484606694 -7.9550309319 0.1682092997 -0.9856701648 -0.0126474394 13.6191825836 -0.1484606694 -0.0126474394 -0.9888374345 2.1234272435  
8  'crystal symmetry operation' 4_435 x-1/2,-y-3/2,-z 0.9745075993 0.1682092997 -0.1484606694 -8.3527800224 0.1682092997 -0.9856701648 -0.0126474394 14.0379975310 -0.1484606694 -0.0126474394 -0.9888374345 -2.6920571248 
9  'crystal symmetry operation' 4_465 x-1/2,-y+3/2,-z 0.9745075993 0.1682092997 -0.1484606694 -7.1595327510 0.1682092997 -0.9856701648 -0.0126474394 12.7815526888 -0.1484606694 -0.0126474394 -0.9888374345 11.7543959800 
10 'crystal symmetry operation' 4_425 x-1/2,-y-5/2,-z 0.9745075993 0.1682092997 -0.1484606694 -8.7505291129 0.1682092997 -0.9856701648 -0.0126474394 14.4568124784 -0.1484606694 -0.0126474394 -0.9888374345 -7.5075414930 
11 'crystal symmetry operation' 4_555 x+1/2,-y+1/2,-z 0.9745075993 0.1682092997 -0.1484606694 6.1743594518  0.1682092997 -0.9856701648 -0.0126474394 14.3701730937 -0.1484606694 -0.0126474394 -0.9888374345 5.9064472854  
12 'crystal symmetry operation' 4_545 x+1/2,-y-1/2,-z 0.9745075993 0.1682092997 -0.1484606694 5.7766103613  0.1682092997 -0.9856701648 -0.0126474394 14.7889880411 -0.1484606694 -0.0126474394 -0.9888374345 1.0909629172  
13 'crystal symmetry operation' 4_535 x+1/2,-y-3/2,-z 0.9745075993 0.1682092997 -0.1484606694 5.3788612709  0.1682092997 -0.9856701648 -0.0126474394 15.2078029885 -0.1484606694 -0.0126474394 -0.9888374345 -3.7245214511 
14 'crystal symmetry operation' 4_565 x+1/2,-y+3/2,-z 0.9745075993 0.1682092997 -0.1484606694 6.5721085423  0.1682092997 -0.9856701648 -0.0126474394 13.9513581463 -0.1484606694 -0.0126474394 -0.9888374345 10.7219316537 
15 'crystal symmetry operation' 4_525 x+1/2,-y-5/2,-z 0.9745075993 0.1682092997 -0.1484606694 4.9811121804  0.1682092997 -0.9856701648 -0.0126474394 15.6266179359 -0.1484606694 -0.0126474394 -0.9888374345 -8.5400058193 
# 
loop_
_pdbx_audit_revision_history.ordinal 
_pdbx_audit_revision_history.data_content_type 
_pdbx_audit_revision_history.major_revision 
_pdbx_audit_revision_history.minor_revision 
_pdbx_audit_revision_history.revision_date 
1 'Structure model' 1 0 2018-04-25 
2 'Structure model' 1 1 2018-05-30 
3 'Structure model' 1 2 2018-06-06 
4 'Structure model' 1 3 2018-06-20 
5 'Structure model' 1 4 2019-12-18 
6 'Structure model' 1 5 2023-10-04 
# 
_pdbx_audit_revision_details.ordinal             1 
_pdbx_audit_revision_details.revision_ordinal    1 
_pdbx_audit_revision_details.data_content_type   'Structure model' 
_pdbx_audit_revision_details.provider            repository 
_pdbx_audit_revision_details.type                'Initial release' 
_pdbx_audit_revision_details.description         ? 
_pdbx_audit_revision_details.details             ? 
# 
loop_
_pdbx_audit_revision_group.ordinal 
_pdbx_audit_revision_group.revision_ordinal 
_pdbx_audit_revision_group.data_content_type 
_pdbx_audit_revision_group.group 
1  2 'Structure model' 'Data collection'            
2  2 'Structure model' 'Database references'        
3  3 'Structure model' 'Data collection'            
4  3 'Structure model' 'Database references'        
5  4 'Structure model' 'Data collection'            
6  4 'Structure model' 'Database references'        
7  5 'Structure model' 'Author supporting evidence' 
8  6 'Structure model' 'Data collection'            
9  6 'Structure model' 'Database references'        
10 6 'Structure model' 'Refinement description'     
# 
loop_
_pdbx_audit_revision_category.ordinal 
_pdbx_audit_revision_category.revision_ordinal 
_pdbx_audit_revision_category.data_content_type 
_pdbx_audit_revision_category.category 
1  2 'Structure model' citation                      
2  2 'Structure model' citation_author               
3  3 'Structure model' citation                      
4  3 'Structure model' citation_author               
5  4 'Structure model' citation                      
6  5 'Structure model' pdbx_audit_support            
7  6 'Structure model' chem_comp_atom                
8  6 'Structure model' chem_comp_bond                
9  6 'Structure model' database_2                    
10 6 'Structure model' pdbx_initial_refinement_model 
# 
loop_
_pdbx_audit_revision_item.ordinal 
_pdbx_audit_revision_item.revision_ordinal 
_pdbx_audit_revision_item.data_content_type 
_pdbx_audit_revision_item.item 
1  2 'Structure model' '_citation.country'                        
2  2 'Structure model' '_citation.journal_abbrev'                 
3  2 'Structure model' '_citation.journal_id_CSD'                 
4  2 'Structure model' '_citation.journal_id_ISSN'                
5  2 'Structure model' '_citation.pdbx_database_id_DOI'           
6  2 'Structure model' '_citation.title'                          
7  2 'Structure model' '_citation.year'                           
8  3 'Structure model' '_citation.journal_abbrev'                 
9  3 'Structure model' '_citation.pdbx_database_id_PubMed'        
10 3 'Structure model' '_citation.title'                          
11 3 'Structure model' '_citation_author.name'                    
12 4 'Structure model' '_citation.journal_volume'                 
13 4 'Structure model' '_citation.page_first'                     
14 4 'Structure model' '_citation.page_last'                      
15 5 'Structure model' '_pdbx_audit_support.funding_organization' 
16 6 'Structure model' '_database_2.pdbx_DOI'                     
17 6 'Structure model' '_database_2.pdbx_database_accession'      
# 
_pdbx_refine_tls.pdbx_refine_id   'X-RAY DIFFRACTION' 
_pdbx_refine_tls.id               1 
_pdbx_refine_tls.details          ? 
_pdbx_refine_tls.method           refined 
_pdbx_refine_tls.origin_x         0.1379 
_pdbx_refine_tls.origin_y         0.6297 
_pdbx_refine_tls.origin_z         0.1928 
_pdbx_refine_tls.T[1][1]          0.0421 
_pdbx_refine_tls.T[2][2]          0.0379 
_pdbx_refine_tls.T[3][3]          0.0388 
_pdbx_refine_tls.T[1][2]          0.0064 
_pdbx_refine_tls.T[1][3]          -0.0007 
_pdbx_refine_tls.T[2][3]          0.0003 
_pdbx_refine_tls.L[1][1]          1.4395 
_pdbx_refine_tls.L[2][2]          0.0978 
_pdbx_refine_tls.L[3][3]          0.2042 
_pdbx_refine_tls.L[1][2]          -0.3366 
_pdbx_refine_tls.L[1][3]          -0.0019 
_pdbx_refine_tls.L[2][3]          -0.0611 
_pdbx_refine_tls.S[1][1]          -0.0401 
_pdbx_refine_tls.S[2][2]          0.0162 
_pdbx_refine_tls.S[3][3]          0.0029 
_pdbx_refine_tls.S[1][2]          0.0162 
_pdbx_refine_tls.S[1][3]          -0.0644 
_pdbx_refine_tls.S[2][3]          0.0557 
_pdbx_refine_tls.S[2][1]          -0.0232 
_pdbx_refine_tls.S[3][1]          -0.0173 
_pdbx_refine_tls.S[3][2]          0.0261 
# 
_pdbx_refine_tls_group.pdbx_refine_id      'X-RAY DIFFRACTION' 
_pdbx_refine_tls_group.id                  1 
_pdbx_refine_tls_group.refine_tls_id       1 
_pdbx_refine_tls_group.beg_auth_asym_id    Z 
_pdbx_refine_tls_group.beg_auth_seq_id     1 
_pdbx_refine_tls_group.end_auth_asym_id    Z 
_pdbx_refine_tls_group.end_auth_seq_id     6 
_pdbx_refine_tls_group.selection_details   all 
_pdbx_refine_tls_group.beg_label_asym_id   ? 
_pdbx_refine_tls_group.beg_label_seq_id    ? 
_pdbx_refine_tls_group.end_label_asym_id   ? 
_pdbx_refine_tls_group.end_label_seq_id    ? 
_pdbx_refine_tls_group.selection           ? 
# 
_phasing.method   MR 
# 
loop_
_software.citation_id 
_software.classification 
_software.compiler_name 
_software.compiler_version 
_software.contact_author 
_software.contact_author_email 
_software.date 
_software.description 
_software.dependencies 
_software.hardware 
_software.language 
_software.location 
_software.mods 
_software.name 
_software.os 
_software.os_version 
_software.type 
_software.version 
_software.pdbx_ordinal 
? 'data scaling'    ? ? ? ? ? ? ? ? ? ? ? XSCALE      ? ? ? .        1 
? phasing           ? ? ? ? ? ? ? ? ? ? ? PHASER      ? ? ? .        2 
? refinement        ? ? ? ? ? ? ? ? ? ? ? PHENIX      ? ? ? dev_1555 3 
? 'data extraction' ? ? ? ? ? ? ? ? ? ? ? PDB_EXTRACT ? ? ? 3.22     4 
? 'data reduction'  ? ? ? ? ? ? ? ? ? ? ? XDS         ? ? ? .        5 
# 
loop_
_chem_comp_atom.comp_id 
_chem_comp_atom.atom_id 
_chem_comp_atom.type_symbol 
_chem_comp_atom.pdbx_aromatic_flag 
_chem_comp_atom.pdbx_stereo_config 
_chem_comp_atom.pdbx_ordinal 
ALA N    N N N 1  
ALA CA   C N S 2  
ALA C    C N N 3  
ALA O    O N N 4  
ALA CB   C N N 5  
ALA OXT  O N N 6  
ALA H    H N N 7  
ALA H2   H N N 8  
ALA HA   H N N 9  
ALA HB1  H N N 10 
ALA HB2  H N N 11 
ALA HB3  H N N 12 
ALA HXT  H N N 13 
ASN N    N N N 14 
ASN CA   C N S 15 
ASN C    C N N 16 
ASN O    O N N 17 
ASN CB   C N N 18 
ASN CG   C N N 19 
ASN OD1  O N N 20 
ASN ND2  N N N 21 
ASN OXT  O N N 22 
ASN H    H N N 23 
ASN H2   H N N 24 
ASN HA   H N N 25 
ASN HB2  H N N 26 
ASN HB3  H N N 27 
ASN HD21 H N N 28 
ASN HD22 H N N 29 
ASN HXT  H N N 30 
GLY N    N N N 31 
GLY CA   C N N 32 
GLY C    C N N 33 
GLY O    O N N 34 
GLY OXT  O N N 35 
GLY H    H N N 36 
GLY H2   H N N 37 
GLY HA2  H N N 38 
GLY HA3  H N N 39 
GLY HXT  H N N 40 
PHE N    N N N 41 
PHE CA   C N S 42 
PHE C    C N N 43 
PHE O    O N N 44 
PHE CB   C N N 45 
PHE CG   C Y N 46 
PHE CD1  C Y N 47 
PHE CD2  C Y N 48 
PHE CE1  C Y N 49 
PHE CE2  C Y N 50 
PHE CZ   C Y N 51 
PHE OXT  O N N 52 
PHE H    H N N 53 
PHE H2   H N N 54 
PHE HA   H N N 55 
PHE HB2  H N N 56 
PHE HB3  H N N 57 
PHE HD1  H N N 58 
PHE HD2  H N N 59 
PHE HE1  H N N 60 
PHE HE2  H N N 61 
PHE HZ   H N N 62 
PHE HXT  H N N 63 
SER N    N N N 64 
SER CA   C N S 65 
SER C    C N N 66 
SER O    O N N 67 
SER CB   C N N 68 
SER OG   O N N 69 
SER OXT  O N N 70 
SER H    H N N 71 
SER H2   H N N 72 
SER HA   H N N 73 
SER HB2  H N N 74 
SER HB3  H N N 75 
SER HG   H N N 76 
SER HXT  H N N 77 
# 
loop_
_chem_comp_bond.comp_id 
_chem_comp_bond.atom_id_1 
_chem_comp_bond.atom_id_2 
_chem_comp_bond.value_order 
_chem_comp_bond.pdbx_aromatic_flag 
_chem_comp_bond.pdbx_stereo_config 
_chem_comp_bond.pdbx_ordinal 
ALA N   CA   sing N N 1  
ALA N   H    sing N N 2  
ALA N   H2   sing N N 3  
ALA CA  C    sing N N 4  
ALA CA  CB   sing N N 5  
ALA CA  HA   sing N N 6  
ALA C   O    doub N N 7  
ALA C   OXT  sing N N 8  
ALA CB  HB1  sing N N 9  
ALA CB  HB2  sing N N 10 
ALA CB  HB3  sing N N 11 
ALA OXT HXT  sing N N 12 
ASN N   CA   sing N N 13 
ASN N   H    sing N N 14 
ASN N   H2   sing N N 15 
ASN CA  C    sing N N 16 
ASN CA  CB   sing N N 17 
ASN CA  HA   sing N N 18 
ASN C   O    doub N N 19 
ASN C   OXT  sing N N 20 
ASN CB  CG   sing N N 21 
ASN CB  HB2  sing N N 22 
ASN CB  HB3  sing N N 23 
ASN CG  OD1  doub N N 24 
ASN CG  ND2  sing N N 25 
ASN ND2 HD21 sing N N 26 
ASN ND2 HD22 sing N N 27 
ASN OXT HXT  sing N N 28 
GLY N   CA   sing N N 29 
GLY N   H    sing N N 30 
GLY N   H2   sing N N 31 
GLY CA  C    sing N N 32 
GLY CA  HA2  sing N N 33 
GLY CA  HA3  sing N N 34 
GLY C   O    doub N N 35 
GLY C   OXT  sing N N 36 
GLY OXT HXT  sing N N 37 
PHE N   CA   sing N N 38 
PHE N   H    sing N N 39 
PHE N   H2   sing N N 40 
PHE CA  C    sing N N 41 
PHE CA  CB   sing N N 42 
PHE CA  HA   sing N N 43 
PHE C   O    doub N N 44 
PHE C   OXT  sing N N 45 
PHE CB  CG   sing N N 46 
PHE CB  HB2  sing N N 47 
PHE CB  HB3  sing N N 48 
PHE CG  CD1  doub Y N 49 
PHE CG  CD2  sing Y N 50 
PHE CD1 CE1  sing Y N 51 
PHE CD1 HD1  sing N N 52 
PHE CD2 CE2  doub Y N 53 
PHE CD2 HD2  sing N N 54 
PHE CE1 CZ   doub Y N 55 
PHE CE1 HE1  sing N N 56 
PHE CE2 CZ   sing Y N 57 
PHE CE2 HE2  sing N N 58 
PHE CZ  HZ   sing N N 59 
PHE OXT HXT  sing N N 60 
SER N   CA   sing N N 61 
SER N   H    sing N N 62 
SER N   H2   sing N N 63 
SER CA  C    sing N N 64 
SER CA  CB   sing N N 65 
SER CA  HA   sing N N 66 
SER C   O    doub N N 67 
SER C   OXT  sing N N 68 
SER CB  OG   sing N N 69 
SER CB  HB2  sing N N 70 
SER CB  HB3  sing N N 71 
SER OG  HG   sing N N 72 
SER OXT HXT  sing N N 73 
# 
_pdbx_audit_support.funding_organization   'National Institutes of Health/National Institute on Aging (NIH/NIA)' 
_pdbx_audit_support.country                'United States' 
_pdbx_audit_support.grant_number           'NIH NIA AG029430' 
_pdbx_audit_support.ordinal                1 
# 
_pdbx_initial_refinement_model.id               1 
_pdbx_initial_refinement_model.entity_id_list   ? 
_pdbx_initial_refinement_model.type             'experimental model' 
_pdbx_initial_refinement_model.source_name      PDB 
_pdbx_initial_refinement_model.accession_code   3DGJ 
_pdbx_initial_refinement_model.details          ? 
# 
_pdbx_struct_assembly_auth_evidence.id                     1 
_pdbx_struct_assembly_auth_evidence.assembly_id            1 
_pdbx_struct_assembly_auth_evidence.experimental_support   none 
_pdbx_struct_assembly_auth_evidence.details                ? 
# 
